data_4FWU
#
_entry.id   4FWU
#
_cell.length_a   122.344
_cell.length_b   122.344
_cell.length_c   72.736
_cell.angle_alpha   90.00
_cell.angle_beta   90.00
_cell.angle_gamma   90.00
#
_symmetry.space_group_name_H-M   'I 4'
#
loop_
_entity.id
_entity.type
_entity.pdbx_description
1 polymer CG32412
2 branched beta-D-mannopyranose-(1-4)-2-acetamido-2-deoxy-beta-D-glucopyranose-(1-4)-2-acetamido-2-deoxy-beta-D-glucopyranose
3 non-polymer 'ZINC ION'
4 non-polymer 1,2-ETHANEDIOL
5 non-polymer 'SULFATE ION'
6 water water
#
_entity_poly.entity_id   1
_entity_poly.type   'polypeptide(L)'
_entity_poly.pdbx_seq_one_letter_code
;NIGSQWRDDEVHFNRTLDSILVPRVVGSRGHQQVREYLVQSLNGLGFQTEVDEFKQRVPVFGELTFANVVGTINPQAQNF
LALACHYDSKYFPNDPGFVGATDSAVPCAILLNTAKTLGAYLQKEFRNRSDVGLMLIFFDGEEAFKEWTDADSVYGSKHL
AAKLASKRSGSQAQLAPRNIDRIEVLVLLDLIGARNPKFSSFYENTDGLHSSLVQIEKSLRTAGQLEGNNNMFLSRVSGG
LVDDDHRPFLDENVPVLHLVATPFPDVWHTPRDNAANLHWPSIRNFNRVFRNFVYQYLKRHTSPVNLRFYRT
;
_entity_poly.pdbx_strand_id   A
#
# COMPACT_ATOMS: atom_id res chain seq x y z
N GLN A 5 17.92 -11.08 9.45
CA GLN A 5 17.17 -12.07 10.25
C GLN A 5 15.64 -12.10 9.98
N TRP A 6 15.12 -11.29 9.05
CA TRP A 6 13.71 -11.51 8.61
C TRP A 6 13.75 -12.29 7.33
N ARG A 7 13.18 -13.48 7.32
CA ARG A 7 13.31 -14.33 6.14
C ARG A 7 12.11 -14.17 5.21
N ASP A 8 12.32 -14.51 3.95
CA ASP A 8 11.26 -14.62 2.94
C ASP A 8 10.20 -15.62 3.37
N ASP A 9 8.97 -15.43 2.92
CA ASP A 9 7.92 -16.47 2.96
C ASP A 9 7.13 -16.39 1.64
N GLU A 10 7.79 -16.85 0.59
CA GLU A 10 7.21 -16.82 -0.74
C GLU A 10 6.01 -17.74 -0.88
N VAL A 11 5.93 -18.79 -0.06
CA VAL A 11 4.77 -19.69 -0.08
C VAL A 11 3.55 -18.87 0.29
N HIS A 12 3.66 -18.14 1.39
CA HIS A 12 2.58 -17.25 1.78
C HIS A 12 2.30 -16.15 0.73
N PHE A 13 3.36 -15.53 0.23
CA PHE A 13 3.21 -14.51 -0.79
C PHE A 13 2.43 -15.03 -2.01
N ASN A 14 2.90 -16.13 -2.60
CA ASN A 14 2.19 -16.75 -3.75
C ASN A 14 0.75 -17.11 -3.50
N ARG A 15 0.51 -17.67 -2.33
CA ARG A 15 -0.84 -18.05 -1.95
C ARG A 15 -1.75 -16.82 -1.80
N THR A 16 -1.21 -15.77 -1.18
CA THR A 16 -1.97 -14.53 -0.97
C THR A 16 -2.27 -13.90 -2.33
N LEU A 17 -1.24 -13.82 -3.19
CA LEU A 17 -1.41 -13.25 -4.50
C LEU A 17 -2.46 -14.02 -5.31
N ASP A 18 -2.42 -15.36 -5.25
CA ASP A 18 -3.38 -16.17 -6.03
C ASP A 18 -4.82 -15.86 -5.65
N SER A 19 -5.02 -15.53 -4.37
CA SER A 19 -6.34 -15.21 -3.88
C SER A 19 -6.81 -13.82 -4.27
N ILE A 20 -5.89 -12.88 -4.41
CA ILE A 20 -6.23 -11.51 -4.76
C ILE A 20 -6.31 -11.34 -6.28
N LEU A 21 -5.54 -12.14 -7.04
CA LEU A 21 -5.38 -11.93 -8.48
C LEU A 21 -6.54 -12.52 -9.29
N VAL A 22 -7.72 -11.95 -9.11
CA VAL A 22 -8.90 -12.28 -9.89
C VAL A 22 -9.58 -10.96 -10.25
N PRO A 23 -10.38 -10.93 -11.32
CA PRO A 23 -11.15 -9.73 -11.60
C PRO A 23 -11.95 -9.30 -10.40
N ARG A 24 -11.98 -7.99 -10.14
CA ARG A 24 -12.51 -7.50 -8.88
C ARG A 24 -12.92 -6.05 -9.03
N VAL A 25 -13.75 -5.78 -10.03
CA VAL A 25 -14.28 -4.46 -10.24
C VAL A 25 -15.29 -4.14 -9.14
N VAL A 26 -15.33 -2.88 -8.72
CA VAL A 26 -16.30 -2.46 -7.72
C VAL A 26 -17.72 -2.77 -8.27
N GLY A 27 -18.56 -3.35 -7.44
CA GLY A 27 -19.88 -3.79 -7.85
C GLY A 27 -19.95 -5.28 -8.28
N SER A 28 -18.83 -5.94 -8.52
CA SER A 28 -18.85 -7.29 -8.98
C SER A 28 -18.89 -8.25 -7.82
N ARG A 29 -19.26 -9.48 -8.13
CA ARG A 29 -19.23 -10.53 -7.16
C ARG A 29 -17.79 -10.91 -6.74
N GLY A 30 -16.90 -10.95 -7.72
CA GLY A 30 -15.50 -11.23 -7.48
C GLY A 30 -14.86 -10.24 -6.51
N HIS A 31 -15.21 -8.98 -6.62
CA HIS A 31 -14.80 -7.92 -5.70
C HIS A 31 -15.18 -8.21 -4.29
N GLN A 32 -16.42 -8.66 -4.09
CA GLN A 32 -16.91 -9.00 -2.75
C GLN A 32 -16.08 -10.15 -2.16
N GLN A 33 -15.75 -11.15 -2.98
CA GLN A 33 -14.90 -12.26 -2.52
C GLN A 33 -13.53 -11.77 -2.08
N VAL A 34 -12.92 -10.85 -2.86
CA VAL A 34 -11.61 -10.33 -2.49
C VAL A 34 -11.70 -9.51 -1.18
N ARG A 35 -12.72 -8.69 -1.05
CA ARG A 35 -12.95 -7.93 0.18
C ARG A 35 -12.99 -8.88 1.39
N GLU A 36 -13.83 -9.89 1.30
CA GLU A 36 -13.96 -10.89 2.38
C GLU A 36 -12.63 -11.60 2.66
N TYR A 37 -11.87 -11.87 1.59
CA TYR A 37 -10.59 -12.48 1.74
C TYR A 37 -9.63 -11.55 2.47
N LEU A 38 -9.66 -10.26 2.15
CA LEU A 38 -8.77 -9.30 2.83
C LEU A 38 -9.10 -9.24 4.35
N VAL A 39 -10.39 -9.21 4.70
CA VAL A 39 -10.83 -9.17 6.12
C VAL A 39 -10.35 -10.44 6.85
N GLN A 40 -10.58 -11.59 6.24
CA GLN A 40 -10.15 -12.83 6.84
C GLN A 40 -8.62 -12.89 7.02
N SER A 41 -7.88 -12.43 6.02
CA SER A 41 -6.44 -12.51 6.08
C SER A 41 -5.90 -11.60 7.20
N LEU A 42 -6.48 -10.40 7.32
CA LEU A 42 -6.05 -9.45 8.35
C LEU A 42 -6.32 -9.99 9.75
N ASN A 43 -7.53 -10.52 9.95
CA ASN A 43 -7.87 -11.14 11.21
C ASN A 43 -6.87 -12.22 11.51
N GLY A 44 -6.59 -13.07 10.54
CA GLY A 44 -5.65 -14.17 10.70
C GLY A 44 -4.22 -13.77 10.98
N LEU A 45 -3.83 -12.54 10.63
CA LEU A 45 -2.46 -12.07 10.89
C LEU A 45 -2.42 -11.15 12.13
N GLY A 46 -3.49 -11.12 12.91
CA GLY A 46 -3.46 -10.44 14.22
C GLY A 46 -3.92 -9.00 14.22
N PHE A 47 -4.51 -8.53 13.12
CA PHE A 47 -5.02 -7.16 13.07
C PHE A 47 -6.45 -7.07 13.58
N GLN A 48 -6.74 -5.96 14.23
CA GLN A 48 -8.11 -5.53 14.42
C GLN A 48 -8.60 -4.94 13.08
N THR A 49 -9.67 -5.49 12.56
CA THR A 49 -10.08 -5.19 11.20
C THR A 49 -11.42 -4.46 11.16
N GLU A 50 -11.47 -3.35 10.44
CA GLU A 50 -12.71 -2.64 10.23
C GLU A 50 -12.90 -2.37 8.77
N VAL A 51 -14.17 -2.24 8.38
CA VAL A 51 -14.51 -1.91 7.02
C VAL A 51 -15.20 -0.56 6.95
N ASP A 52 -14.78 0.31 6.03
CA ASP A 52 -15.43 1.59 5.74
C ASP A 52 -16.28 1.43 4.47
N GLU A 53 -17.55 1.07 4.65
CA GLU A 53 -18.47 0.74 3.55
C GLU A 53 -19.38 1.91 3.28
N PHE A 54 -19.60 2.21 2.00
CA PHE A 54 -20.46 3.32 1.60
C PHE A 54 -20.89 3.13 0.17
N LYS A 55 -21.97 3.82 -0.20
CA LYS A 55 -22.53 3.80 -1.56
C LYS A 55 -22.21 5.11 -2.25
N GLN A 56 -21.87 5.05 -3.54
CA GLN A 56 -21.64 6.26 -4.33
C GLN A 56 -21.87 5.95 -5.79
N ARG A 57 -22.22 6.99 -6.55
CA ARG A 57 -22.56 6.84 -7.95
C ARG A 57 -21.32 6.98 -8.79
N VAL A 58 -21.17 6.11 -9.78
CA VAL A 58 -20.09 6.20 -10.75
C VAL A 58 -20.63 6.30 -12.19
N PRO A 59 -19.81 6.81 -13.10
CA PRO A 59 -20.29 6.84 -14.47
C PRO A 59 -20.69 5.46 -15.03
N VAL A 60 -21.78 5.46 -15.81
CA VAL A 60 -22.26 4.27 -16.49
C VAL A 60 -23.12 3.42 -15.57
N PHE A 61 -22.58 3.01 -14.43
CA PHE A 61 -23.26 2.01 -13.62
C PHE A 61 -24.12 2.57 -12.49
N GLY A 62 -24.03 3.86 -12.22
CA GLY A 62 -24.76 4.46 -11.12
C GLY A 62 -24.22 4.02 -9.76
N GLU A 63 -25.13 3.80 -8.81
CA GLU A 63 -24.74 3.60 -7.42
C GLU A 63 -24.09 2.23 -7.22
N LEU A 64 -22.88 2.23 -6.65
CA LEU A 64 -22.19 1.00 -6.27
C LEU A 64 -21.78 1.04 -4.78
N THR A 65 -21.59 -0.13 -4.21
CA THR A 65 -21.11 -0.24 -2.86
C THR A 65 -19.58 -0.44 -2.79
N PHE A 66 -18.92 0.54 -2.17
CA PHE A 66 -17.47 0.57 -1.97
C PHE A 66 -17.17 0.14 -0.54
N ALA A 67 -15.98 -0.40 -0.31
CA ALA A 67 -15.58 -0.82 1.04
C ALA A 67 -14.05 -0.81 1.20
N ASN A 68 -13.57 0.21 1.90
CA ASN A 68 -12.15 0.24 2.30
C ASN A 68 -11.96 -0.78 3.43
N VAL A 69 -10.89 -1.57 3.37
CA VAL A 69 -10.59 -2.53 4.41
C VAL A 69 -9.34 -2.08 5.14
N VAL A 70 -9.44 -1.94 6.47
CA VAL A 70 -8.37 -1.39 7.30
C VAL A 70 -8.08 -2.36 8.45
N GLY A 71 -6.82 -2.73 8.55
CA GLY A 71 -6.33 -3.52 9.64
C GLY A 71 -5.43 -2.67 10.52
N THR A 72 -5.62 -2.77 11.84
CA THR A 72 -4.76 -2.06 12.80
C THR A 72 -4.23 -2.95 13.92
N ILE A 73 -2.93 -2.84 14.17
CA ILE A 73 -2.31 -3.38 15.41
C ILE A 73 -1.95 -2.18 16.32
N ASN A 74 -2.36 -2.28 17.59
CA ASN A 74 -2.33 -1.21 18.61
C ASN A 74 -3.26 -0.04 18.24
N PRO A 75 -4.58 -0.29 18.20
CA PRO A 75 -5.52 0.78 17.84
C PRO A 75 -5.53 2.01 18.75
N GLN A 76 -5.08 1.81 19.99
CA GLN A 76 -4.99 2.88 20.97
C GLN A 76 -3.70 3.68 20.90
N ALA A 77 -2.73 3.31 20.04
CA ALA A 77 -1.45 4.01 20.05
C ALA A 77 -1.64 5.46 19.75
N GLN A 78 -0.65 6.24 20.12
CA GLN A 78 -0.72 7.68 19.89
CA GLN A 78 -0.69 7.66 19.92
C GLN A 78 -0.48 8.03 18.45
N ASN A 79 0.34 7.22 17.76
CA ASN A 79 0.67 7.50 16.35
C ASN A 79 0.71 6.20 15.53
N PHE A 80 0.70 6.33 14.21
CA PHE A 80 0.59 5.15 13.32
C PHE A 80 1.49 5.28 12.09
N LEU A 81 2.10 4.16 11.71
CA LEU A 81 2.68 3.98 10.41
C LEU A 81 1.52 3.38 9.59
N ALA A 82 1.18 4.04 8.49
CA ALA A 82 0.10 3.54 7.60
C ALA A 82 0.71 3.06 6.30
N LEU A 83 0.43 1.81 5.93
CA LEU A 83 0.89 1.20 4.67
C LEU A 83 -0.36 0.91 3.85
N ALA A 84 -0.31 1.17 2.53
CA ALA A 84 -1.54 1.13 1.74
C ALA A 84 -1.37 0.67 0.29
N CYS A 85 -2.49 0.21 -0.27
CA CYS A 85 -2.61 -0.18 -1.66
C CYS A 85 -4.10 -0.02 -2.02
N HIS A 86 -4.44 -0.22 -3.30
CA HIS A 86 -5.85 -0.32 -3.75
C HIS A 86 -6.15 -1.73 -4.20
N TYR A 87 -7.29 -2.28 -3.78
CA TYR A 87 -7.66 -3.64 -4.08
C TYR A 87 -8.68 -3.83 -5.21
N ASP A 88 -9.35 -2.77 -5.62
CA ASP A 88 -10.19 -2.82 -6.81
C ASP A 88 -9.34 -2.99 -8.08
N SER A 89 -9.91 -3.68 -9.07
CA SER A 89 -9.34 -3.73 -10.42
C SER A 89 -10.13 -2.76 -11.32
N LYS A 90 -9.43 -2.10 -12.24
CA LYS A 90 -10.04 -1.07 -13.05
C LYS A 90 -11.17 -1.68 -13.93
N TYR A 91 -12.30 -1.01 -13.99
CA TYR A 91 -13.31 -1.23 -15.05
C TYR A 91 -12.78 -0.85 -16.43
N PHE A 92 -12.79 -1.79 -17.35
CA PHE A 92 -12.51 -1.53 -18.74
C PHE A 92 -13.71 -2.03 -19.59
N PRO A 93 -14.25 -1.19 -20.47
CA PRO A 93 -15.36 -1.58 -21.36
C PRO A 93 -15.01 -2.80 -22.21
N ASN A 94 -13.76 -2.92 -22.60
CA ASN A 94 -13.29 -4.02 -23.43
C ASN A 94 -12.65 -5.16 -22.67
N ASP A 95 -12.53 -5.09 -21.34
CA ASP A 95 -11.69 -6.11 -20.63
C ASP A 95 -12.18 -6.44 -19.21
N PRO A 96 -13.38 -7.05 -19.13
CA PRO A 96 -13.92 -7.38 -17.82
C PRO A 96 -13.04 -8.34 -16.99
N GLY A 97 -12.17 -9.07 -17.65
CA GLY A 97 -11.25 -9.99 -16.98
C GLY A 97 -9.90 -9.40 -16.50
N PHE A 98 -9.68 -8.11 -16.68
CA PHE A 98 -8.46 -7.44 -16.19
C PHE A 98 -8.16 -7.90 -14.77
N VAL A 99 -6.95 -8.37 -14.55
CA VAL A 99 -6.58 -8.79 -13.17
C VAL A 99 -5.65 -7.78 -12.46
N GLY A 100 -5.15 -6.75 -13.17
CA GLY A 100 -4.35 -5.72 -12.44
C GLY A 100 -3.28 -6.32 -11.55
N ALA A 101 -2.41 -7.15 -12.13
CA ALA A 101 -1.40 -7.87 -11.35
C ALA A 101 -0.46 -6.89 -10.59
N THR A 102 0.07 -5.89 -11.27
CA THR A 102 0.92 -4.89 -10.64
C THR A 102 0.09 -3.77 -10.01
N ASP A 103 -1.19 -3.73 -10.41
CA ASP A 103 -2.09 -2.61 -10.20
C ASP A 103 -3.44 -3.06 -9.64
N SER A 104 -3.51 -3.50 -8.40
CA SER A 104 -2.39 -3.55 -7.47
C SER A 104 -2.45 -4.84 -6.65
N ALA A 105 -2.71 -5.96 -7.31
CA ALA A 105 -2.69 -7.27 -6.63
C ALA A 105 -1.39 -7.52 -5.87
N VAL A 106 -0.27 -7.32 -6.56
CA VAL A 106 1.03 -7.52 -5.94
C VAL A 106 1.24 -6.54 -4.75
N PRO A 107 0.98 -5.23 -4.94
CA PRO A 107 1.05 -4.35 -3.76
C PRO A 107 0.23 -4.83 -2.53
N CYS A 108 -1.01 -5.23 -2.71
CA CYS A 108 -1.83 -5.71 -1.61
C CYS A 108 -1.26 -7.00 -1.00
N ALA A 109 -0.79 -7.90 -1.84
CA ALA A 109 -0.14 -9.12 -1.36
C ALA A 109 1.16 -8.80 -0.59
N ILE A 110 1.89 -7.77 -1.02
CA ILE A 110 3.10 -7.35 -0.35
C ILE A 110 2.75 -6.87 1.09
N LEU A 111 1.66 -6.11 1.24
CA LEU A 111 1.25 -5.67 2.57
C LEU A 111 1.00 -6.88 3.48
N LEU A 112 0.16 -7.82 3.04
CA LEU A 112 -0.15 -9.02 3.83
C LEU A 112 1.10 -9.85 4.15
N ASN A 113 1.95 -10.08 3.16
CA ASN A 113 3.17 -10.81 3.33
C ASN A 113 4.17 -10.13 4.26
N THR A 114 4.15 -8.80 4.33
CA THR A 114 5.02 -8.04 5.23
C THR A 114 4.57 -8.34 6.68
N ALA A 115 3.26 -8.27 6.91
CA ALA A 115 2.64 -8.70 8.18
C ALA A 115 3.05 -10.12 8.57
N LYS A 116 3.04 -11.03 7.59
CA LYS A 116 3.41 -12.42 7.82
C LYS A 116 4.89 -12.56 8.18
N THR A 117 5.77 -12.05 7.34
CA THR A 117 7.18 -12.22 7.58
C THR A 117 7.68 -11.51 8.85
N LEU A 118 7.05 -10.42 9.24
CA LEU A 118 7.39 -9.74 10.49
C LEU A 118 6.51 -10.22 11.65
N GLY A 119 5.75 -11.28 11.43
CA GLY A 119 4.74 -11.72 12.40
C GLY A 119 5.26 -12.06 13.80
N ALA A 120 6.48 -12.58 13.90
CA ALA A 120 7.06 -12.90 15.19
C ALA A 120 7.25 -11.63 16.05
N TYR A 121 7.44 -10.50 15.39
CA TYR A 121 7.56 -9.22 16.08
C TYR A 121 6.19 -8.57 16.31
N LEU A 122 5.41 -8.45 15.25
CA LEU A 122 4.15 -7.71 15.26
C LEU A 122 3.13 -8.29 16.20
N GLN A 123 3.13 -9.61 16.33
CA GLN A 123 2.12 -10.28 17.14
C GLN A 123 2.56 -10.49 18.59
N LYS A 124 3.74 -10.01 18.95
CA LYS A 124 4.29 -10.15 20.30
C LYS A 124 4.90 -8.85 20.87
N GLU A 125 6.22 -8.64 20.75
CA GLU A 125 6.85 -7.48 21.36
C GLU A 125 6.20 -6.16 20.93
N PHE A 126 5.73 -6.12 19.67
CA PHE A 126 5.16 -4.90 19.11
C PHE A 126 3.85 -4.53 19.83
N ARG A 127 3.12 -5.50 20.35
CA ARG A 127 1.88 -5.21 21.09
C ARG A 127 2.12 -4.52 22.43
N ASN A 128 3.34 -4.61 22.98
CA ASN A 128 3.66 -4.07 24.32
C ASN A 128 4.14 -2.66 24.29
N ARG A 129 3.28 -1.77 23.78
CA ARG A 129 3.64 -0.36 23.63
C ARG A 129 2.43 0.50 23.27
N SER A 130 2.55 1.80 23.52
CA SER A 130 1.45 2.73 23.25
C SER A 130 1.87 3.88 22.34
N ASP A 131 3.17 3.98 22.00
CA ASP A 131 3.64 5.08 21.20
C ASP A 131 3.25 4.95 19.70
N VAL A 132 3.28 3.73 19.14
CA VAL A 132 3.05 3.58 17.70
C VAL A 132 2.25 2.32 17.43
N GLY A 133 1.33 2.45 16.48
CA GLY A 133 0.64 1.30 15.89
C GLY A 133 0.88 1.14 14.38
N LEU A 134 0.31 0.07 13.82
CA LEU A 134 0.51 -0.23 12.38
C LEU A 134 -0.85 -0.37 11.72
N MET A 135 -1.03 0.36 10.64
CA MET A 135 -2.25 0.26 9.87
C MET A 135 -1.91 -0.25 8.45
N LEU A 136 -2.64 -1.27 8.02
CA LEU A 136 -2.67 -1.74 6.63
C LEU A 136 -4.03 -1.32 6.06
N ILE A 137 -3.98 -0.45 5.06
CA ILE A 137 -5.14 0.11 4.40
C ILE A 137 -5.27 -0.43 2.98
N PHE A 138 -6.39 -1.04 2.72
CA PHE A 138 -6.70 -1.51 1.36
C PHE A 138 -7.84 -0.63 0.82
N PHE A 139 -7.45 0.38 0.07
CA PHE A 139 -8.39 1.33 -0.48
C PHE A 139 -9.22 0.66 -1.55
N ASP A 140 -10.50 0.97 -1.56
CA ASP A 140 -11.38 0.54 -2.64
C ASP A 140 -11.58 1.65 -3.63
N GLY A 141 -11.95 1.26 -4.86
CA GLY A 141 -12.27 2.19 -5.93
C GLY A 141 -11.28 3.30 -6.17
N GLU A 142 -10.00 2.95 -6.20
CA GLU A 142 -8.98 3.89 -6.68
C GLU A 142 -9.21 4.24 -8.14
N GLU A 143 -9.58 3.24 -8.96
CA GLU A 143 -9.63 3.40 -10.43
C GLU A 143 -10.88 4.15 -10.89
N ALA A 144 -10.66 5.02 -11.87
CA ALA A 144 -11.76 5.70 -12.55
C ALA A 144 -12.61 4.68 -13.37
N PHE A 145 -13.88 5.00 -13.56
CA PHE A 145 -14.75 4.24 -14.50
C PHE A 145 -14.76 4.77 -15.95
N LYS A 146 -14.94 6.07 -16.11
CA LYS A 146 -14.76 6.74 -17.41
C LYS A 146 -13.38 7.36 -17.35
N GLU A 147 -13.30 8.67 -17.33
CA GLU A 147 -12.03 9.32 -17.42
C GLU A 147 -11.59 9.69 -16.01
N TRP A 148 -10.30 9.56 -15.72
CA TRP A 148 -9.77 10.01 -14.43
C TRP A 148 -9.94 11.51 -14.28
N THR A 149 -10.75 11.92 -13.31
CA THR A 149 -10.99 13.34 -13.02
C THR A 149 -11.06 13.48 -11.51
N ASP A 150 -11.30 14.71 -11.05
CA ASP A 150 -11.52 14.94 -9.65
C ASP A 150 -12.82 14.31 -9.13
N ALA A 151 -13.81 14.08 -9.97
CA ALA A 151 -14.95 13.30 -9.51
C ALA A 151 -14.65 11.78 -9.59
N ASP A 152 -14.17 11.31 -10.73
CA ASP A 152 -14.14 9.90 -11.03
C ASP A 152 -12.75 9.26 -10.84
N SER A 153 -12.45 8.97 -9.57
CA SER A 153 -11.17 8.37 -9.15
C SER A 153 -11.13 8.40 -7.62
N VAL A 154 -10.26 7.58 -7.05
CA VAL A 154 -9.94 7.60 -5.62
C VAL A 154 -11.17 7.72 -4.69
N TYR A 155 -12.21 6.98 -5.06
CA TYR A 155 -13.49 7.01 -4.33
C TYR A 155 -13.28 6.62 -2.86
N GLY A 156 -12.64 5.48 -2.67
CA GLY A 156 -12.44 4.94 -1.33
C GLY A 156 -11.54 5.79 -0.44
N SER A 157 -10.40 6.21 -0.97
CA SER A 157 -9.48 7.06 -0.23
C SER A 157 -10.12 8.40 0.17
N LYS A 158 -10.81 9.03 -0.80
CA LYS A 158 -11.55 10.29 -0.50
C LYS A 158 -12.42 10.06 0.69
N HIS A 159 -13.18 8.97 0.68
CA HIS A 159 -14.07 8.69 1.78
C HIS A 159 -13.40 8.38 3.09
N LEU A 160 -12.35 7.55 3.07
CA LEU A 160 -11.62 7.21 4.30
C LEU A 160 -10.93 8.42 4.92
N ALA A 161 -10.30 9.25 4.08
CA ALA A 161 -9.67 10.45 4.53
C ALA A 161 -10.70 11.38 5.26
N ALA A 162 -11.91 11.51 4.67
CA ALA A 162 -12.90 12.46 5.19
C ALA A 162 -13.31 11.87 6.51
N LYS A 163 -13.40 10.55 6.59
CA LYS A 163 -13.84 9.94 7.81
C LYS A 163 -12.81 10.14 8.94
N LEU A 164 -11.55 9.83 8.66
CA LEU A 164 -10.47 9.97 9.64
C LEU A 164 -10.26 11.43 10.01
N ALA A 165 -10.56 12.34 9.09
CA ALA A 165 -10.41 13.77 9.32
C ALA A 165 -11.58 14.44 10.10
N SER A 166 -12.67 13.71 10.34
CA SER A 166 -13.86 14.28 10.94
C SER A 166 -13.79 14.16 12.46
N ALA A 173 -12.72 18.47 22.23
CA ALA A 173 -12.78 17.86 20.91
C ALA A 173 -12.25 18.80 19.81
N GLN A 174 -12.72 20.04 19.81
CA GLN A 174 -12.41 21.03 18.74
C GLN A 174 -10.91 21.27 18.44
N LEU A 175 -10.07 21.17 19.47
CA LEU A 175 -8.65 21.48 19.34
C LEU A 175 -7.77 20.22 19.45
N ALA A 176 -8.44 19.08 19.65
CA ALA A 176 -7.79 17.77 19.76
C ALA A 176 -7.34 17.28 18.38
N PRO A 177 -6.40 16.32 18.36
CA PRO A 177 -5.98 15.81 17.08
C PRO A 177 -7.09 14.96 16.47
N ARG A 178 -7.31 15.15 15.18
CA ARG A 178 -8.20 14.28 14.40
C ARG A 178 -7.48 12.96 14.26
N ASN A 179 -8.24 11.88 14.09
CA ASN A 179 -7.62 10.56 13.90
C ASN A 179 -6.62 10.60 12.75
N ILE A 180 -6.93 11.30 11.66
CA ILE A 180 -5.97 11.34 10.55
C ILE A 180 -4.61 12.00 10.91
N ASP A 181 -4.61 12.93 11.86
CA ASP A 181 -3.38 13.59 12.27
C ASP A 181 -2.46 12.65 13.07
N ARG A 182 -2.99 11.54 13.55
CA ARG A 182 -2.19 10.51 14.15
C ARG A 182 -1.36 9.64 13.16
N ILE A 183 -1.54 9.84 11.85
CA ILE A 183 -0.75 9.13 10.80
C ILE A 183 0.53 9.89 10.58
N GLU A 184 1.64 9.30 11.01
CA GLU A 184 2.95 9.94 10.80
C GLU A 184 3.30 10.02 9.32
N VAL A 185 2.90 8.99 8.56
CA VAL A 185 3.22 8.89 7.14
C VAL A 185 2.33 7.84 6.53
N LEU A 186 1.82 8.14 5.33
CA LEU A 186 1.10 7.18 4.52
C LEU A 186 2.07 6.65 3.44
N VAL A 187 2.37 5.36 3.53
CA VAL A 187 3.29 4.73 2.59
C VAL A 187 2.39 3.97 1.61
N LEU A 188 2.28 4.52 0.40
CA LEU A 188 1.35 4.01 -0.61
C LEU A 188 2.16 3.25 -1.67
N LEU A 189 1.83 1.99 -1.82
CA LEU A 189 2.42 1.11 -2.84
C LEU A 189 1.46 0.96 -4.01
N ASP A 190 1.96 1.17 -5.22
CA ASP A 190 1.16 1.03 -6.44
C ASP A 190 2.12 0.67 -7.59
N LEU A 191 1.62 -0.14 -8.51
CA LEU A 191 2.34 -0.48 -9.75
C LEU A 191 3.66 -1.20 -9.49
N ILE A 192 3.61 -2.22 -8.64
CA ILE A 192 4.80 -3.00 -8.30
C ILE A 192 4.58 -4.43 -8.80
N GLY A 193 5.65 -5.02 -9.30
CA GLY A 193 5.66 -6.41 -9.74
C GLY A 193 6.35 -6.60 -11.10
N ALA A 194 6.53 -5.51 -11.85
CA ALA A 194 7.24 -5.57 -13.10
C ALA A 194 8.75 -5.64 -12.87
N ARG A 195 9.46 -5.97 -13.94
CA ARG A 195 10.90 -6.14 -13.88
C ARG A 195 11.59 -4.84 -13.61
N ASN A 196 12.53 -4.82 -12.65
CA ASN A 196 13.38 -3.66 -12.43
C ASN A 196 12.67 -2.29 -12.21
N PRO A 197 11.77 -2.24 -11.22
CA PRO A 197 11.12 -0.97 -10.89
C PRO A 197 12.12 0.07 -10.36
N LYS A 198 11.83 1.36 -10.53
CA LYS A 198 12.66 2.44 -10.07
C LYS A 198 11.80 3.39 -9.24
N PHE A 199 12.20 3.65 -7.99
CA PHE A 199 11.42 4.50 -7.08
C PHE A 199 12.20 5.78 -6.77
N SER A 200 11.60 6.91 -7.11
CA SER A 200 12.14 8.23 -6.79
C SER A 200 11.32 8.95 -5.71
N SER A 201 11.91 9.95 -5.03
CA SER A 201 11.26 10.60 -3.88
C SER A 201 10.38 11.78 -4.32
N PHE A 202 9.07 11.61 -4.17
CA PHE A 202 8.11 12.63 -4.57
C PHE A 202 7.98 13.83 -3.64
N TYR A 203 8.26 13.67 -2.35
CA TYR A 203 8.02 14.76 -1.35
C TYR A 203 9.25 15.02 -0.47
N GLU A 204 9.66 16.29 -0.41
CA GLU A 204 10.81 16.68 0.38
C GLU A 204 10.68 16.20 1.83
N ASN A 205 9.49 16.32 2.41
CA ASN A 205 9.35 15.98 3.81
C ASN A 205 9.52 14.48 4.14
N THR A 206 9.44 13.60 3.11
CA THR A 206 9.68 12.18 3.32
C THR A 206 10.96 11.71 2.62
N ASP A 207 11.78 12.63 2.16
CA ASP A 207 13.13 12.30 1.66
C ASP A 207 13.93 11.40 2.63
N GLY A 208 13.85 11.70 3.94
CA GLY A 208 14.53 10.90 4.97
C GLY A 208 14.12 9.45 4.91
N LEU A 209 12.81 9.20 4.83
CA LEU A 209 12.31 7.81 4.69
C LEU A 209 12.71 7.17 3.33
N HIS A 210 12.65 7.92 2.23
CA HIS A 210 13.11 7.40 0.97
C HIS A 210 14.59 7.00 1.06
N SER A 211 15.41 7.91 1.61
CA SER A 211 16.83 7.61 1.87
CA SER A 211 16.81 7.62 1.85
C SER A 211 17.02 6.33 2.69
N SER A 212 16.15 6.08 3.66
CA SER A 212 16.32 4.88 4.46
CA SER A 212 16.27 4.87 4.48
C SER A 212 16.08 3.60 3.62
N LEU A 213 15.13 3.66 2.67
CA LEU A 213 14.97 2.54 1.72
C LEU A 213 16.25 2.41 0.85
N VAL A 214 16.78 3.52 0.37
CA VAL A 214 18.02 3.47 -0.40
C VAL A 214 19.12 2.78 0.41
N GLN A 215 19.29 3.17 1.67
N GLN A 215 19.30 3.20 1.68
CA GLN A 215 20.40 2.64 2.47
CA GLN A 215 20.34 2.67 2.56
C GLN A 215 20.16 1.19 2.91
C GLN A 215 20.14 1.19 2.85
N ILE A 216 18.92 0.84 3.22
CA ILE A 216 18.58 -0.54 3.50
C ILE A 216 18.81 -1.44 2.28
N GLU A 217 18.43 -0.99 1.10
CA GLU A 217 18.75 -1.72 -0.12
C GLU A 217 20.27 -1.90 -0.28
N LYS A 218 21.04 -0.85 -0.07
CA LYS A 218 22.50 -0.95 -0.17
C LYS A 218 23.06 -1.96 0.83
N SER A 219 22.51 -2.02 2.05
CA SER A 219 22.94 -3.00 3.05
C SER A 219 22.64 -4.41 2.64
N LEU A 220 21.41 -4.65 2.20
CA LEU A 220 20.99 -5.97 1.77
C LEU A 220 21.82 -6.38 0.54
N ARG A 221 22.09 -5.46 -0.36
CA ARG A 221 22.84 -5.80 -1.57
C ARG A 221 24.28 -6.19 -1.18
N THR A 222 24.93 -5.34 -0.41
CA THR A 222 26.27 -5.57 0.08
C THR A 222 26.43 -6.92 0.81
N ALA A 223 25.41 -7.31 1.55
CA ALA A 223 25.37 -8.55 2.29
C ALA A 223 25.03 -9.77 1.45
N GLY A 224 24.86 -9.55 0.14
CA GLY A 224 24.53 -10.63 -0.78
C GLY A 224 23.15 -11.21 -0.67
N GLN A 225 22.22 -10.44 -0.14
CA GLN A 225 20.85 -10.93 0.03
C GLN A 225 19.84 -10.55 -1.11
N LEU A 226 20.26 -9.77 -2.10
CA LEU A 226 19.35 -9.38 -3.19
C LEU A 226 19.71 -10.12 -4.47
N GLU A 227 18.73 -10.38 -5.33
CA GLU A 227 19.01 -10.92 -6.67
C GLU A 227 19.38 -9.84 -7.66
N GLY A 228 20.49 -10.05 -8.37
CA GLY A 228 20.93 -9.15 -9.43
C GLY A 228 21.50 -7.85 -8.96
N ASN A 229 21.86 -6.99 -9.91
CA ASN A 229 22.59 -5.77 -9.60
C ASN A 229 21.82 -4.47 -9.88
N ASN A 230 20.52 -4.58 -10.19
CA ASN A 230 19.72 -3.39 -10.47
C ASN A 230 19.33 -2.61 -9.16
N ASN A 231 19.64 -1.33 -9.12
CA ASN A 231 19.13 -0.42 -8.08
C ASN A 231 17.62 -0.13 -8.22
N MET A 232 16.87 -0.40 -7.18
CA MET A 232 15.45 -0.19 -7.17
C MET A 232 15.11 1.20 -6.59
N PHE A 233 15.75 1.57 -5.46
CA PHE A 233 15.40 2.81 -4.75
C PHE A 233 16.42 3.86 -5.08
N LEU A 234 16.03 4.92 -5.79
CA LEU A 234 16.98 5.87 -6.33
C LEU A 234 17.09 7.11 -5.46
N SER A 235 18.25 7.73 -5.47
CA SER A 235 18.54 8.91 -4.69
C SER A 235 18.29 10.13 -5.50
N ARG A 236 17.09 10.38 -5.85
CA ARG A 236 16.69 11.38 -6.81
C ARG A 236 15.32 11.86 -6.44
N VAL A 237 14.99 13.06 -6.80
CA VAL A 237 13.67 13.59 -6.66
C VAL A 237 12.86 13.21 -7.89
N SER A 238 11.55 13.22 -7.80
CA SER A 238 10.74 12.91 -8.97
C SER A 238 10.60 14.16 -9.86
N GLY A 239 10.42 13.92 -11.15
CA GLY A 239 10.07 14.96 -12.12
C GLY A 239 8.72 14.75 -12.78
N GLY A 240 7.98 13.72 -12.36
CA GLY A 240 6.64 13.51 -12.85
C GLY A 240 5.59 13.74 -11.79
N LEU A 241 4.34 13.64 -12.19
CA LEU A 241 3.22 13.74 -11.29
C LEU A 241 2.43 12.47 -11.43
N VAL A 242 2.05 11.88 -10.29
CA VAL A 242 1.22 10.69 -10.28
C VAL A 242 0.08 10.86 -9.30
N ASP A 243 -1.12 11.09 -9.83
CA ASP A 243 -2.30 11.21 -8.96
C ASP A 243 -2.68 9.82 -8.51
N ASP A 244 -3.13 9.70 -7.29
CA ASP A 244 -3.29 8.39 -6.70
C ASP A 244 -4.02 8.54 -5.38
N ASP A 245 -4.23 7.43 -4.68
CA ASP A 245 -4.96 7.39 -3.42
C ASP A 245 -4.37 8.29 -2.31
N HIS A 246 -3.10 8.71 -2.42
CA HIS A 246 -2.50 9.55 -1.39
C HIS A 246 -3.07 10.96 -1.42
N ARG A 247 -3.60 11.39 -2.57
CA ARG A 247 -3.96 12.80 -2.74
C ARG A 247 -4.94 13.34 -1.66
N PRO A 248 -5.97 12.58 -1.35
CA PRO A 248 -6.88 13.01 -0.28
C PRO A 248 -6.25 13.07 1.12
N PHE A 249 -5.14 12.35 1.33
CA PHE A 249 -4.36 12.41 2.56
C PHE A 249 -3.44 13.60 2.56
N LEU A 250 -2.78 13.81 1.45
CA LEU A 250 -1.95 14.97 1.27
C LEU A 250 -2.79 16.28 1.54
N ASP A 251 -4.05 16.29 1.09
CA ASP A 251 -4.90 17.48 1.24
C ASP A 251 -5.25 17.71 2.69
N GLU A 252 -5.18 16.66 3.52
CA GLU A 252 -5.36 16.80 4.95
C GLU A 252 -4.03 16.90 5.69
N ASN A 253 -2.98 17.29 4.99
CA ASN A 253 -1.64 17.45 5.53
C ASN A 253 -0.90 16.18 6.07
N VAL A 254 -1.30 14.99 5.60
CA VAL A 254 -0.62 13.71 5.97
C VAL A 254 0.61 13.57 5.09
N PRO A 255 1.81 13.44 5.71
CA PRO A 255 2.98 13.12 4.91
C PRO A 255 2.79 11.79 4.13
N VAL A 256 3.39 11.77 2.95
CA VAL A 256 3.25 10.69 2.01
C VAL A 256 4.62 10.24 1.51
N LEU A 257 4.80 8.92 1.50
CA LEU A 257 5.87 8.27 0.75
C LEU A 257 5.14 7.43 -0.32
N HIS A 258 5.34 7.81 -1.57
CA HIS A 258 4.54 7.25 -2.69
C HIS A 258 5.42 6.28 -3.45
N LEU A 259 5.34 5.00 -3.03
CA LEU A 259 6.11 3.90 -3.67
C LEU A 259 5.37 3.37 -4.94
N VAL A 260 5.44 4.18 -5.98
CA VAL A 260 4.91 3.84 -7.32
C VAL A 260 6.09 3.80 -8.26
N ALA A 261 6.27 2.70 -8.98
CA ALA A 261 7.38 2.58 -9.93
C ALA A 261 7.23 3.59 -11.07
N THR A 262 8.32 4.24 -11.43
CA THR A 262 8.34 5.18 -12.55
C THR A 262 9.67 4.92 -13.28
N PRO A 263 9.62 4.36 -14.49
CA PRO A 263 8.43 4.18 -15.32
C PRO A 263 7.44 3.16 -14.82
N PHE A 264 6.21 3.32 -15.29
CA PHE A 264 5.15 2.37 -15.03
C PHE A 264 5.49 1.05 -15.73
N PRO A 265 4.96 -0.09 -15.23
CA PRO A 265 5.13 -1.33 -15.97
C PRO A 265 4.70 -1.15 -17.44
N ASP A 266 5.42 -1.78 -18.37
CA ASP A 266 5.07 -1.73 -19.79
C ASP A 266 3.59 -2.08 -20.02
N VAL A 267 3.05 -2.97 -19.19
CA VAL A 267 1.71 -3.54 -19.38
C VAL A 267 0.58 -2.72 -18.72
N TRP A 268 0.92 -1.55 -18.19
CA TRP A 268 -0.04 -0.76 -17.43
C TRP A 268 -1.33 -0.54 -18.19
N HIS A 269 -2.43 -0.83 -17.53
CA HIS A 269 -3.78 -0.67 -18.02
C HIS A 269 -4.06 -1.37 -19.35
N THR A 270 -3.47 -2.54 -19.54
CA THR A 270 -3.74 -3.44 -20.64
C THR A 270 -4.04 -4.84 -20.07
N PRO A 271 -4.70 -5.71 -20.87
CA PRO A 271 -4.94 -7.05 -20.39
C PRO A 271 -3.68 -7.82 -20.05
N ARG A 272 -2.52 -7.37 -20.54
CA ARG A 272 -1.30 -8.10 -20.22
CA ARG A 272 -1.22 -8.00 -20.25
C ARG A 272 -0.69 -7.75 -18.82
N ASP A 273 -1.41 -6.94 -17.99
CA ASP A 273 -0.99 -6.74 -16.59
C ASP A 273 -1.49 -7.97 -15.80
N ASN A 274 -0.73 -9.05 -15.94
CA ASN A 274 -1.17 -10.38 -15.50
C ASN A 274 -0.03 -11.07 -14.85
N ALA A 275 -0.25 -12.29 -14.39
CA ALA A 275 0.78 -13.03 -13.67
C ALA A 275 1.98 -13.34 -14.58
N ALA A 276 1.73 -13.59 -15.87
CA ALA A 276 2.82 -13.95 -16.79
C ALA A 276 3.83 -12.83 -16.98
N ASN A 277 3.44 -11.58 -16.72
CA ASN A 277 4.33 -10.46 -16.90
C ASN A 277 4.96 -9.92 -15.58
N LEU A 278 4.66 -10.56 -14.47
CA LEU A 278 5.39 -10.29 -13.20
C LEU A 278 6.82 -10.78 -13.26
N HIS A 279 7.69 -10.10 -12.54
CA HIS A 279 9.08 -10.48 -12.39
C HIS A 279 9.39 -10.78 -10.95
N TRP A 280 9.48 -12.06 -10.66
CA TRP A 280 9.57 -12.53 -9.29
C TRP A 280 10.83 -12.11 -8.55
N PRO A 281 11.97 -12.04 -9.25
CA PRO A 281 13.16 -11.54 -8.54
C PRO A 281 12.97 -10.06 -8.06
N SER A 282 12.31 -9.25 -8.87
CA SER A 282 12.05 -7.87 -8.50
C SER A 282 11.09 -7.78 -7.30
N ILE A 283 10.06 -8.61 -7.31
CA ILE A 283 9.15 -8.69 -6.21
C ILE A 283 9.90 -9.11 -4.92
N ARG A 284 10.71 -10.15 -5.04
CA ARG A 284 11.44 -10.64 -3.85
C ARG A 284 12.39 -9.58 -3.29
N ASN A 285 13.07 -8.88 -4.18
CA ASN A 285 13.96 -7.79 -3.74
C ASN A 285 13.19 -6.64 -3.05
N PHE A 286 12.06 -6.26 -3.65
CA PHE A 286 11.22 -5.22 -3.07
C PHE A 286 10.78 -5.67 -1.68
N ASN A 287 10.33 -6.90 -1.55
CA ASN A 287 9.92 -7.41 -0.25
C ASN A 287 10.97 -7.41 0.83
N ARG A 288 12.18 -7.80 0.45
CA ARG A 288 13.33 -7.80 1.36
C ARG A 288 13.57 -6.41 1.91
N VAL A 289 13.73 -5.42 1.03
CA VAL A 289 13.93 -4.05 1.46
C VAL A 289 12.75 -3.55 2.29
N PHE A 290 11.53 -3.77 1.79
CA PHE A 290 10.36 -3.20 2.39
C PHE A 290 10.10 -3.75 3.81
N ARG A 291 10.18 -5.07 3.98
CA ARG A 291 9.90 -5.68 5.28
C ARG A 291 10.93 -5.16 6.35
N ASN A 292 12.15 -4.91 5.94
CA ASN A 292 13.13 -4.32 6.83
C ASN A 292 12.90 -2.84 7.12
N PHE A 293 12.46 -2.09 6.12
CA PHE A 293 12.08 -0.69 6.31
C PHE A 293 10.97 -0.59 7.37
N VAL A 294 9.93 -1.39 7.20
CA VAL A 294 8.78 -1.40 8.11
C VAL A 294 9.25 -1.79 9.54
N TYR A 295 10.04 -2.85 9.64
CA TYR A 295 10.55 -3.29 10.94
C TYR A 295 11.37 -2.21 11.61
N GLN A 296 12.34 -1.65 10.90
CA GLN A 296 13.19 -0.63 11.46
C GLN A 296 12.40 0.64 11.89
N TYR A 297 11.42 1.06 11.08
CA TYR A 297 10.57 2.21 11.40
C TYR A 297 9.91 1.96 12.78
N LEU A 298 9.24 0.82 12.90
CA LEU A 298 8.53 0.49 14.13
C LEU A 298 9.45 0.22 15.36
N LYS A 299 10.50 -0.57 15.15
CA LYS A 299 11.48 -0.92 16.21
C LYS A 299 12.20 0.32 16.74
N ARG A 300 12.61 1.23 15.87
CA ARG A 300 13.33 2.44 16.28
C ARG A 300 12.41 3.60 16.75
N HIS A 301 11.11 3.45 16.59
CA HIS A 301 10.18 4.56 16.90
C HIS A 301 10.22 4.80 18.40
N THR A 302 10.56 6.00 18.81
CA THR A 302 10.43 6.35 20.23
C THR A 302 9.41 7.48 20.38
N SER A 303 9.79 8.68 20.00
CA SER A 303 8.86 9.81 20.06
C SER A 303 8.00 9.98 18.76
N PRO A 304 6.91 10.79 18.85
CA PRO A 304 6.07 11.01 17.66
C PRO A 304 6.89 11.52 16.51
N VAL A 305 6.74 10.92 15.35
CA VAL A 305 7.53 11.37 14.20
C VAL A 305 6.87 12.58 13.50
N ASN A 306 7.65 13.62 13.24
CA ASN A 306 7.12 14.85 12.70
C ASN A 306 7.70 15.12 11.34
N LEU A 307 6.89 14.85 10.32
CA LEU A 307 7.27 15.14 8.96
C LEU A 307 6.35 16.21 8.32
N ARG A 308 5.46 16.76 9.13
CA ARG A 308 4.59 17.86 8.67
C ARG A 308 5.23 19.23 8.79
N PHE A 309 5.95 19.49 9.88
CA PHE A 309 6.20 20.87 10.37
C PHE A 309 7.68 21.23 10.49
#